data_9BDW
#
_entry.id   9BDW
#
_cell.length_a   119.263
_cell.length_b   133.084
_cell.length_c   45.670
_cell.angle_alpha   90.00
_cell.angle_beta   90.00
_cell.angle_gamma   90.00
#
_symmetry.space_group_name_H-M   'P 21 21 2'
#
loop_
_entity.id
_entity.type
_entity.pdbx_description
1 polymer 'Transcription factor p65'
2 polymer "DNA (5'-D(P*AP*CP*TP*GP*GP*GP*AP*AP*GP*TP*TP*CP*CP*AP*GP*TP*GP*AP*T)-3')"
3 polymer "DNA (5'-D(P*AP*TP*CP*AP*CP*TP*GP*GP*AP*AP*CP*TP*TP*CP*CP*CP*AP*GP*T)-3')"
4 non-polymer 'SULFATE ION'
5 non-polymer 'octyl beta-D-glucopyranoside'
6 water water
#
loop_
_entity_poly.entity_id
_entity_poly.type
_entity_poly.pdbx_seq_one_letter_code
_entity_poly.pdbx_strand_id
1 'polypeptide(L)'
;MPYVEIIEQPKQRGMRFRYKCEGRSAGSIPGERSTDTTKTHPTIKINGYTGPGTVRISLVTKDPPHRPHPHELVGKDCRD
GYYEADLCPDRSIHSFQNLGIQCVKKRDLEQAISQRIQTNNNPFHVPIEEQRGDYDLNAVRLCFQVTVRDPAGRPLLLTP
VLSHPIFDNRAPNTAELKICRVNRNSGSCLGGDEIFLLCDKVQKEDIEVYFTGPGWEARGSFSQADVHRQVAIVFRTPPY
ADPSLQAPVRVSMQLRRPSDRELSEPMEFQYLPDTDDRHRIEEKRKR
;
A,B
2 'polydeoxyribonucleotide' (DA)(DC)(DT)(DG)(DG)(DG)(DA)(DA)(DG)(DT)(DT)(DC)(DC)(DA)(DG)(DT)(DG)(DA)(DT) C
3 'polydeoxyribonucleotide' (DA)(DT)(DC)(DA)(DC)(DT)(DG)(DG)(DA)(DA)(DC)(DT)(DT)(DC)(DC)(DC)(DA)(DG)(DT) D
#
loop_
_chem_comp.id
_chem_comp.type
_chem_comp.name
_chem_comp.formula
BOG D-saccharide 'octyl beta-D-glucopyranoside' 'C14 H28 O6'
DA DNA linking 2'-DEOXYADENOSINE-5'-MONOPHOSPHATE 'C10 H14 N5 O6 P'
DC DNA linking 2'-DEOXYCYTIDINE-5'-MONOPHOSPHATE 'C9 H14 N3 O7 P'
DG DNA linking 2'-DEOXYGUANOSINE-5'-MONOPHOSPHATE 'C10 H14 N5 O7 P'
DT DNA linking THYMIDINE-5'-MONOPHOSPHATE 'C10 H15 N2 O8 P'
SO4 non-polymer 'SULFATE ION' 'O4 S -2'
#
# COMPACT_ATOMS: atom_id res chain seq x y z
N MET A 1 -2.68 -38.91 34.08
CA MET A 1 -3.00 -37.46 33.97
C MET A 1 -4.29 -37.29 33.17
N PRO A 2 -5.22 -36.39 33.60
CA PRO A 2 -6.22 -35.85 32.68
C PRO A 2 -5.45 -35.04 31.66
N TYR A 3 -6.10 -34.73 30.53
CA TYR A 3 -5.47 -33.93 29.48
C TYR A 3 -6.53 -33.13 28.73
N VAL A 4 -6.07 -32.10 28.03
CA VAL A 4 -6.91 -31.18 27.28
C VAL A 4 -6.83 -31.52 25.79
N GLU A 5 -7.99 -31.50 25.16
CA GLU A 5 -8.13 -31.72 23.73
C GLU A 5 -8.86 -30.52 23.12
N ILE A 6 -8.40 -30.03 21.98
CA ILE A 6 -9.14 -28.96 21.30
C ILE A 6 -10.18 -29.62 20.40
N ILE A 7 -11.46 -29.35 20.62
CA ILE A 7 -12.47 -29.98 19.78
C ILE A 7 -13.00 -29.01 18.72
N GLU A 8 -12.80 -27.71 18.91
CA GLU A 8 -13.10 -26.71 17.90
C GLU A 8 -11.92 -25.74 17.84
N GLN A 9 -11.12 -25.90 16.79
CA GLN A 9 -9.98 -25.03 16.56
C GLN A 9 -10.47 -23.63 16.22
N PRO A 10 -9.65 -22.59 16.48
CA PRO A 10 -9.96 -21.27 15.95
C PRO A 10 -9.85 -21.33 14.42
N LYS A 11 -10.67 -20.53 13.76
CA LYS A 11 -10.55 -20.31 12.33
C LYS A 11 -9.20 -19.63 12.05
N GLN A 12 -8.47 -20.13 11.04
CA GLN A 12 -7.10 -19.70 10.83
C GLN A 12 -7.02 -18.38 10.09
N ARG A 13 -7.95 -18.15 9.15
CA ARG A 13 -7.87 -17.00 8.26
C ARG A 13 -9.15 -16.17 8.36
N GLY A 14 -9.06 -14.87 8.04
CA GLY A 14 -10.25 -14.02 7.95
C GLY A 14 -10.32 -12.90 8.98
N MET A 15 -9.40 -12.85 9.94
CA MET A 15 -9.44 -11.84 10.99
C MET A 15 -8.27 -10.89 10.82
N ARG A 16 -8.56 -9.59 10.92
CA ARG A 16 -7.51 -8.60 10.99
C ARG A 16 -7.16 -8.35 12.45
N PHE A 17 -5.87 -8.50 12.83
CA PHE A 17 -5.46 -8.13 14.18
C PHE A 17 -5.57 -6.61 14.30
N ARG A 18 -6.09 -6.11 15.41
CA ARG A 18 -6.28 -4.67 15.58
C ARG A 18 -5.22 -4.07 16.48
N TYR A 19 -4.81 -2.83 16.16
CA TYR A 19 -3.86 -2.08 16.95
C TYR A 19 -4.56 -1.36 18.09
N LYS A 20 -3.83 -1.09 19.18
CA LYS A 20 -4.40 -0.34 20.29
C LYS A 20 -5.07 0.96 19.82
N CYS A 21 -4.44 1.65 18.87
CA CYS A 21 -4.90 2.93 18.38
C CYS A 21 -6.30 2.84 17.78
N GLU A 22 -6.74 1.63 17.40
CA GLU A 22 -8.03 1.51 16.75
C GLU A 22 -9.17 1.45 17.78
N GLY A 23 -8.86 1.13 19.03
CA GLY A 23 -9.74 1.36 20.16
C GLY A 23 -11.12 0.71 20.00
N ARG A 24 -11.13 -0.54 19.54
CA ARG A 24 -12.35 -1.32 19.40
C ARG A 24 -12.14 -2.68 20.09
N SER A 25 -13.18 -3.52 20.08
CA SER A 25 -13.17 -4.80 20.79
C SER A 25 -11.93 -5.62 20.45
N ALA A 26 -11.50 -5.56 19.17
CA ALA A 26 -10.60 -6.50 18.52
C ALA A 26 -11.36 -7.74 18.07
N GLY A 27 -12.66 -7.81 18.39
CA GLY A 27 -13.54 -8.82 17.81
C GLY A 27 -13.44 -10.15 18.57
N SER A 28 -14.00 -11.20 17.98
CA SER A 28 -14.08 -12.51 18.61
C SER A 28 -13.63 -13.55 17.60
N ILE A 29 -12.61 -14.34 17.98
CA ILE A 29 -12.08 -15.38 17.12
C ILE A 29 -13.19 -16.41 16.96
N PRO A 30 -13.62 -16.72 15.72
CA PRO A 30 -14.65 -17.73 15.52
C PRO A 30 -14.02 -19.11 15.52
N GLY A 31 -14.83 -20.13 15.75
CA GLY A 31 -14.41 -21.50 15.53
C GLY A 31 -14.30 -21.82 14.03
N GLU A 32 -13.52 -22.87 13.73
CA GLU A 32 -13.18 -23.36 12.41
C GLU A 32 -14.41 -23.71 11.58
N ARG A 33 -15.48 -24.19 12.22
CA ARG A 33 -16.65 -24.68 11.53
C ARG A 33 -17.79 -23.67 11.63
N SER A 34 -17.46 -22.42 11.94
CA SER A 34 -18.46 -21.39 12.10
C SER A 34 -19.02 -20.96 10.73
N THR A 35 -20.32 -20.60 10.71
CA THR A 35 -21.04 -20.16 9.52
C THR A 35 -22.28 -19.37 9.92
N ASP A 36 -22.18 -18.03 9.95
CA ASP A 36 -23.30 -17.11 9.86
C ASP A 36 -24.57 -17.63 10.55
N THR A 37 -25.17 -18.70 10.01
CA THR A 37 -26.33 -19.33 10.64
C THR A 37 -25.89 -20.56 11.41
N THR A 38 -25.07 -20.30 12.45
CA THR A 38 -24.47 -21.31 13.33
C THR A 38 -23.09 -20.81 13.74
N LYS A 39 -23.07 -19.84 14.66
CA LYS A 39 -21.85 -19.31 15.25
C LYS A 39 -21.21 -20.40 16.11
N THR A 40 -19.90 -20.60 15.93
CA THR A 40 -19.17 -21.47 16.83
C THR A 40 -17.90 -20.75 17.27
N HIS A 41 -17.33 -21.27 18.37
CA HIS A 41 -16.25 -20.62 19.07
C HIS A 41 -15.17 -21.65 19.42
N PRO A 42 -13.90 -21.22 19.63
CA PRO A 42 -12.84 -22.12 20.10
C PRO A 42 -13.35 -22.86 21.34
N THR A 43 -13.18 -24.20 21.29
CA THR A 43 -13.73 -25.11 22.29
C THR A 43 -12.68 -26.15 22.68
N ILE A 44 -12.61 -26.45 24.00
CA ILE A 44 -11.77 -27.52 24.51
C ILE A 44 -12.62 -28.53 25.27
N LYS A 45 -12.04 -29.72 25.37
CA LYS A 45 -12.58 -30.78 26.22
C LYS A 45 -11.50 -31.23 27.20
N ILE A 46 -11.86 -31.38 28.48
CA ILE A 46 -10.94 -31.95 29.44
C ILE A 46 -11.29 -33.44 29.59
N ASN A 47 -10.33 -34.30 29.27
CA ASN A 47 -10.51 -35.74 29.40
C ASN A 47 -9.99 -36.19 30.75
N GLY A 48 -10.85 -36.90 31.51
CA GLY A 48 -10.48 -37.49 32.79
C GLY A 48 -10.76 -36.57 33.97
N TYR A 49 -11.64 -35.56 33.82
CA TYR A 49 -11.92 -34.65 34.92
C TYR A 49 -13.19 -33.83 34.66
N THR A 50 -14.11 -33.89 35.63
CA THR A 50 -15.19 -32.93 35.75
C THR A 50 -15.11 -32.41 37.18
N GLY A 51 -15.17 -31.09 37.35
CA GLY A 51 -15.02 -30.51 38.65
C GLY A 51 -14.37 -29.14 38.57
N PRO A 52 -14.15 -28.47 39.72
CA PRO A 52 -13.61 -27.11 39.71
C PRO A 52 -12.27 -27.03 39.00
N GLY A 53 -12.01 -25.86 38.41
CA GLY A 53 -10.80 -25.70 37.62
C GLY A 53 -10.80 -24.34 36.95
N THR A 54 -9.61 -23.96 36.49
CA THR A 54 -9.44 -22.67 35.86
C THR A 54 -8.69 -22.88 34.56
N VAL A 55 -8.82 -21.89 33.66
CA VAL A 55 -8.08 -21.92 32.42
C VAL A 55 -7.41 -20.56 32.20
N ARG A 56 -6.18 -20.62 31.70
CA ARG A 56 -5.50 -19.46 31.16
C ARG A 56 -5.25 -19.73 29.68
N ILE A 57 -5.56 -18.73 28.85
CA ILE A 57 -5.29 -18.81 27.42
C ILE A 57 -4.33 -17.68 27.07
N SER A 58 -3.22 -18.07 26.44
CA SER A 58 -2.21 -17.10 26.05
C SER A 58 -1.86 -17.29 24.58
N LEU A 59 -1.04 -16.38 24.06
CA LEU A 59 -0.56 -16.44 22.68
C LEU A 59 0.91 -16.83 22.71
N VAL A 60 1.28 -17.79 21.88
CA VAL A 60 2.67 -18.17 21.72
C VAL A 60 3.02 -18.14 20.23
N THR A 61 4.33 -18.21 19.94
CA THR A 61 4.79 -18.21 18.56
C THR A 61 4.30 -19.43 17.77
N LYS A 62 4.20 -19.24 16.44
CA LYS A 62 3.85 -20.33 15.52
C LYS A 62 4.87 -21.46 15.58
N ASP A 63 6.16 -21.14 15.63
CA ASP A 63 7.21 -22.15 15.56
C ASP A 63 7.88 -22.38 16.92
N PRO A 64 8.49 -23.58 17.15
CA PRO A 64 9.28 -23.86 18.34
C PRO A 64 10.54 -22.99 18.38
N PRO A 65 11.08 -22.62 19.56
CA PRO A 65 10.46 -22.96 20.84
C PRO A 65 9.24 -22.05 20.96
N HIS A 66 8.20 -22.53 21.61
CA HIS A 66 6.96 -21.76 21.60
C HIS A 66 7.05 -20.66 22.65
N ARG A 67 7.69 -19.58 22.29
CA ARG A 67 7.88 -18.42 23.17
C ARG A 67 6.56 -17.67 23.30
N PRO A 68 6.34 -16.88 24.37
CA PRO A 68 5.17 -16.00 24.45
C PRO A 68 5.27 -14.98 23.33
N HIS A 69 4.13 -14.75 22.70
CA HIS A 69 4.06 -13.85 21.58
C HIS A 69 3.95 -12.42 22.10
N PRO A 70 4.53 -11.44 21.39
CA PRO A 70 4.35 -10.05 21.78
C PRO A 70 2.92 -9.53 21.72
N HIS A 71 2.06 -10.09 20.86
CA HIS A 71 0.68 -9.63 20.78
C HIS A 71 -0.15 -10.01 22.02
N GLU A 72 -1.34 -9.43 22.12
CA GLU A 72 -2.17 -9.55 23.30
C GLU A 72 -3.51 -10.14 22.92
N LEU A 73 -4.00 -11.03 23.80
CA LEU A 73 -5.40 -11.39 23.82
C LEU A 73 -6.11 -10.28 24.60
N VAL A 74 -7.21 -9.78 24.03
CA VAL A 74 -8.04 -8.76 24.65
C VAL A 74 -9.50 -9.23 24.61
N GLY A 75 -10.31 -8.69 25.51
CA GLY A 75 -11.68 -9.13 25.63
C GLY A 75 -12.03 -9.35 27.09
N LYS A 76 -13.24 -9.86 27.32
CA LYS A 76 -13.71 -10.13 28.67
C LYS A 76 -12.77 -11.14 29.33
N ASP A 77 -12.40 -10.84 30.57
CA ASP A 77 -11.58 -11.72 31.42
C ASP A 77 -10.13 -11.79 30.91
N CYS A 78 -9.70 -10.80 30.14
CA CYS A 78 -8.32 -10.77 29.66
C CYS A 78 -7.60 -9.68 30.42
N ARG A 79 -6.38 -9.96 30.84
CA ARG A 79 -5.51 -8.90 31.36
C ARG A 79 -4.08 -9.26 31.02
N ASP A 80 -3.25 -8.21 30.81
CA ASP A 80 -1.84 -8.35 30.49
C ASP A 80 -1.64 -9.33 29.34
N GLY A 81 -2.54 -9.32 28.38
CA GLY A 81 -2.38 -10.10 27.17
C GLY A 81 -2.85 -11.56 27.25
N TYR A 82 -3.45 -12.00 28.37
CA TYR A 82 -3.95 -13.37 28.45
C TYR A 82 -5.34 -13.41 29.05
N TYR A 83 -6.08 -14.45 28.69
CA TYR A 83 -7.39 -14.73 29.27
C TYR A 83 -7.24 -15.63 30.50
N GLU A 84 -8.01 -15.37 31.58
CA GLU A 84 -8.04 -16.28 32.72
C GLU A 84 -9.41 -16.21 33.41
N ALA A 85 -10.04 -17.37 33.57
CA ALA A 85 -11.29 -17.50 34.32
C ALA A 85 -11.53 -18.95 34.71
N ASP A 86 -12.63 -19.14 35.45
CA ASP A 86 -13.08 -20.45 35.87
C ASP A 86 -13.64 -21.28 34.71
N LEU A 87 -13.54 -22.59 34.87
CA LEU A 87 -14.27 -23.57 34.09
C LEU A 87 -15.51 -24.01 34.87
N CYS A 88 -16.62 -24.26 34.16
CA CYS A 88 -17.82 -24.85 34.73
C CYS A 88 -17.49 -26.20 35.35
N PRO A 89 -17.79 -26.41 36.65
CA PRO A 89 -17.47 -27.66 37.31
C PRO A 89 -18.38 -28.83 36.93
N ASP A 90 -19.52 -28.53 36.29
CA ASP A 90 -20.53 -29.53 35.95
C ASP A 90 -20.36 -30.08 34.54
N ARG A 91 -19.33 -29.66 33.81
CA ARG A 91 -19.20 -29.99 32.39
C ARG A 91 -17.73 -30.15 32.02
N SER A 92 -17.47 -30.94 30.97
CA SER A 92 -16.13 -31.27 30.50
C SER A 92 -15.76 -30.46 29.24
N ILE A 93 -16.73 -29.82 28.60
CA ILE A 93 -16.54 -29.08 27.33
C ILE A 93 -16.74 -27.59 27.62
N HIS A 94 -15.81 -26.77 27.11
CA HIS A 94 -15.72 -25.36 27.45
C HIS A 94 -15.37 -24.57 26.19
N SER A 95 -16.17 -23.52 25.91
CA SER A 95 -15.95 -22.68 24.76
C SER A 95 -15.62 -21.24 25.19
N PHE A 96 -14.99 -20.46 24.30
CA PHE A 96 -14.50 -19.13 24.61
C PHE A 96 -15.01 -18.17 23.55
N GLN A 97 -15.99 -17.31 23.89
CA GLN A 97 -16.77 -16.57 22.90
C GLN A 97 -16.21 -15.19 22.60
N ASN A 98 -15.26 -14.65 23.37
CA ASN A 98 -14.86 -13.27 23.15
C ASN A 98 -13.33 -13.10 23.17
N LEU A 99 -12.59 -13.96 22.47
CA LEU A 99 -11.14 -13.81 22.40
C LEU A 99 -10.80 -12.92 21.19
N GLY A 100 -10.14 -11.81 21.42
CA GLY A 100 -9.63 -11.01 20.31
C GLY A 100 -8.11 -10.85 20.38
N ILE A 101 -7.48 -10.52 19.22
CA ILE A 101 -6.03 -10.36 19.11
C ILE A 101 -5.70 -8.89 18.85
N GLN A 102 -4.93 -8.30 19.76
CA GLN A 102 -4.44 -6.94 19.60
C GLN A 102 -2.96 -6.97 19.22
N CYS A 103 -2.58 -6.40 18.07
CA CYS A 103 -1.19 -6.49 17.67
C CYS A 103 -0.42 -5.31 18.26
N VAL A 104 0.79 -5.61 18.68
CA VAL A 104 1.73 -4.63 19.18
C VAL A 104 2.55 -4.08 18.00
N LYS A 105 2.89 -2.79 18.04
CA LYS A 105 3.78 -2.13 17.07
C LYS A 105 5.21 -2.62 17.22
N LYS A 106 5.96 -2.56 16.13
CA LYS A 106 7.32 -3.07 16.12
C LYS A 106 8.19 -2.30 17.14
N ARG A 107 7.96 -1.00 17.29
CA ARG A 107 8.78 -0.22 18.21
C ARG A 107 8.46 -0.57 19.68
N ASP A 108 7.32 -1.23 19.93
CA ASP A 108 6.92 -1.59 21.28
C ASP A 108 7.22 -3.05 21.59
N LEU A 109 7.96 -3.73 20.71
CA LEU A 109 8.15 -5.17 20.85
C LEU A 109 8.87 -5.53 22.16
N GLU A 110 9.96 -4.83 22.46
CA GLU A 110 10.78 -5.18 23.62
C GLU A 110 10.00 -4.98 24.92
N GLN A 111 9.20 -3.91 25.00
CA GLN A 111 8.37 -3.64 26.16
C GLN A 111 7.32 -4.74 26.33
N ALA A 112 6.72 -5.19 25.21
CA ALA A 112 5.72 -6.23 25.29
C ALA A 112 6.36 -7.53 25.81
N ILE A 113 7.55 -7.91 25.31
CA ILE A 113 8.21 -9.14 25.74
C ILE A 113 8.59 -9.06 27.22
N SER A 114 9.07 -7.89 27.65
CA SER A 114 9.33 -7.67 29.07
C SER A 114 8.10 -7.90 29.95
N GLN A 115 6.94 -7.42 29.48
CA GLN A 115 5.66 -7.63 30.13
C GLN A 115 5.34 -9.13 30.19
N ARG A 116 5.57 -9.90 29.11
CA ARG A 116 5.24 -11.32 29.16
C ARG A 116 6.04 -12.01 30.28
N ILE A 117 7.30 -11.64 30.40
CA ILE A 117 8.17 -12.23 31.39
C ILE A 117 7.74 -11.78 32.79
N GLN A 118 7.49 -10.48 32.95
CA GLN A 118 7.13 -9.94 34.26
C GLN A 118 5.83 -10.55 34.81
N THR A 119 4.88 -10.91 33.95
CA THR A 119 3.58 -11.43 34.36
C THR A 119 3.55 -12.97 34.35
N ASN A 120 4.73 -13.61 34.30
CA ASN A 120 4.89 -15.07 34.32
C ASN A 120 4.02 -15.68 33.24
N ASN A 121 4.05 -15.07 32.06
CA ASN A 121 3.33 -15.58 30.90
C ASN A 121 4.34 -16.20 29.93
N ASN A 122 4.77 -17.43 30.24
CA ASN A 122 5.77 -18.16 29.49
C ASN A 122 5.42 -19.65 29.65
N PRO A 123 4.38 -20.13 28.96
CA PRO A 123 3.84 -21.46 29.26
C PRO A 123 4.81 -22.63 29.11
N PHE A 124 5.81 -22.51 28.22
CA PHE A 124 6.79 -23.57 27.99
C PHE A 124 8.13 -23.27 28.68
N HIS A 125 8.19 -22.22 29.51
CA HIS A 125 9.38 -21.93 30.30
C HIS A 125 10.63 -21.84 29.43
N VAL A 126 10.51 -21.11 28.31
CA VAL A 126 11.61 -20.92 27.41
C VAL A 126 12.60 -19.99 28.08
N PRO A 127 13.91 -20.33 28.07
CA PRO A 127 14.93 -19.42 28.60
C PRO A 127 14.91 -18.07 27.89
N ILE A 128 15.29 -17.03 28.62
CA ILE A 128 15.30 -15.67 28.10
C ILE A 128 16.31 -15.54 26.96
N GLU A 129 17.32 -16.42 26.96
CA GLU A 129 18.32 -16.47 25.89
C GLU A 129 17.61 -16.66 24.55
N GLU A 130 16.65 -17.60 24.49
CA GLU A 130 16.05 -18.06 23.25
C GLU A 130 14.88 -17.17 22.83
N GLN A 131 14.57 -16.14 23.62
CA GLN A 131 13.53 -15.19 23.25
C GLN A 131 14.15 -14.04 22.45
N ARG A 132 15.29 -14.32 21.78
CA ARG A 132 16.04 -13.32 21.05
C ARG A 132 15.83 -13.44 19.54
N GLY A 133 15.30 -14.58 19.07
CA GLY A 133 14.98 -14.74 17.65
C GLY A 133 13.96 -13.71 17.17
N ASP A 134 13.91 -13.48 15.86
CA ASP A 134 12.92 -12.58 15.28
C ASP A 134 11.55 -13.23 15.49
N TYR A 135 10.49 -12.42 15.57
CA TYR A 135 9.12 -12.89 15.73
C TYR A 135 8.38 -12.74 14.41
N ASP A 136 7.51 -13.69 14.11
CA ASP A 136 6.50 -13.52 13.07
C ASP A 136 5.25 -12.86 13.69
N LEU A 137 5.04 -11.57 13.44
CA LEU A 137 3.94 -10.83 14.02
C LEU A 137 2.63 -10.98 13.24
N ASN A 138 2.65 -11.81 12.19
CA ASN A 138 1.44 -12.06 11.43
C ASN A 138 0.83 -13.43 11.75
N ALA A 139 1.42 -14.21 12.67
CA ALA A 139 0.87 -15.51 13.06
C ALA A 139 1.01 -15.72 14.58
N VAL A 140 -0.02 -16.30 15.18
CA VAL A 140 0.01 -16.68 16.59
C VAL A 140 -0.60 -18.07 16.76
N ARG A 141 -0.34 -18.74 17.90
CA ARG A 141 -1.12 -19.88 18.34
C ARG A 141 -1.73 -19.60 19.71
N LEU A 142 -2.97 -20.08 19.92
CA LEU A 142 -3.55 -20.08 21.26
C LEU A 142 -2.90 -21.19 22.06
N CYS A 143 -2.66 -20.91 23.35
CA CYS A 143 -2.08 -21.89 24.25
C CYS A 143 -3.00 -22.06 25.45
N PHE A 144 -3.66 -23.23 25.58
CA PHE A 144 -4.61 -23.45 26.66
C PHE A 144 -3.93 -24.16 27.83
N GLN A 145 -3.97 -23.50 29.00
CA GLN A 145 -3.32 -23.95 30.22
C GLN A 145 -4.41 -24.17 31.27
N VAL A 146 -4.81 -25.43 31.45
CA VAL A 146 -5.87 -25.76 32.38
C VAL A 146 -5.27 -26.25 33.69
N THR A 147 -5.82 -25.71 34.78
CA THR A 147 -5.53 -26.17 36.13
C THR A 147 -6.77 -26.83 36.72
N VAL A 148 -6.61 -28.09 37.12
CA VAL A 148 -7.69 -28.86 37.71
C VAL A 148 -7.28 -29.14 39.17
N ARG A 149 -7.96 -30.11 39.83
CA ARG A 149 -7.59 -30.59 41.16
C ARG A 149 -7.33 -32.10 41.07
N ASP A 150 -6.31 -32.60 41.78
CA ASP A 150 -6.05 -34.04 41.82
C ASP A 150 -7.12 -34.75 42.67
N PRO A 151 -7.16 -36.12 42.73
CA PRO A 151 -8.16 -36.82 43.55
C PRO A 151 -8.08 -36.45 45.02
N ALA A 152 -6.91 -35.92 45.44
CA ALA A 152 -6.71 -35.45 46.81
C ALA A 152 -7.21 -34.02 47.00
N GLY A 153 -7.35 -33.25 45.90
CA GLY A 153 -7.96 -31.93 45.94
C GLY A 153 -6.96 -30.76 45.97
N ARG A 154 -5.75 -30.97 45.45
CA ARG A 154 -4.74 -29.93 45.32
C ARG A 154 -4.68 -29.47 43.84
N PRO A 155 -4.23 -28.23 43.56
CA PRO A 155 -4.04 -27.75 42.18
C PRO A 155 -3.10 -28.58 41.31
N LEU A 156 -3.55 -28.89 40.09
CA LEU A 156 -2.83 -29.74 39.14
C LEU A 156 -2.89 -29.05 37.79
N LEU A 157 -1.73 -28.55 37.33
CA LEU A 157 -1.62 -27.93 36.02
C LEU A 157 -1.41 -29.02 34.97
N LEU A 158 -2.32 -29.11 33.99
CA LEU A 158 -2.23 -30.08 32.91
C LEU A 158 -1.24 -29.55 31.87
N THR A 159 -0.77 -30.45 31.01
CA THR A 159 0.12 -30.08 29.93
C THR A 159 -0.57 -29.05 29.03
N PRO A 160 0.11 -27.95 28.68
CA PRO A 160 -0.45 -26.94 27.78
C PRO A 160 -0.70 -27.57 26.41
N VAL A 161 -1.75 -27.10 25.71
CA VAL A 161 -2.11 -27.58 24.38
C VAL A 161 -2.22 -26.36 23.46
N LEU A 162 -1.66 -26.49 22.26
CA LEU A 162 -1.57 -25.42 21.28
C LEU A 162 -2.62 -25.60 20.22
N SER A 163 -3.26 -24.49 19.78
CA SER A 163 -4.11 -24.46 18.60
C SER A 163 -3.27 -24.47 17.32
N HIS A 164 -3.98 -24.69 16.21
CA HIS A 164 -3.46 -24.32 14.90
C HIS A 164 -3.17 -22.83 14.89
N PRO A 165 -2.29 -22.38 13.98
CA PRO A 165 -1.97 -20.95 13.85
C PRO A 165 -3.17 -20.13 13.35
N ILE A 166 -3.28 -18.90 13.89
CA ILE A 166 -4.18 -17.86 13.47
C ILE A 166 -3.35 -16.80 12.76
N PHE A 167 -3.77 -16.44 11.55
CA PHE A 167 -3.04 -15.52 10.68
C PHE A 167 -3.77 -14.18 10.58
N ASP A 168 -3.00 -13.08 10.61
CA ASP A 168 -3.50 -11.76 10.31
C ASP A 168 -3.88 -11.71 8.83
N ASN A 169 -5.07 -11.22 8.52
CA ASN A 169 -5.49 -11.25 7.12
C ASN A 169 -4.73 -10.19 6.30
N ARG A 170 -3.89 -9.36 6.93
CA ARG A 170 -3.08 -8.39 6.18
C ARG A 170 -1.93 -9.07 5.43
N ALA A 171 -1.48 -10.24 5.88
CA ALA A 171 -0.28 -10.85 5.32
C ALA A 171 -0.63 -11.64 4.05
N PRO A 172 -0.10 -11.29 2.86
CA PRO A 172 -0.47 -12.00 1.62
C PRO A 172 0.05 -13.44 1.52
N ASN A 173 1.11 -13.77 2.28
CA ASN A 173 1.70 -15.11 2.18
C ASN A 173 0.78 -16.16 2.77
N THR A 174 -0.18 -15.76 3.64
CA THR A 174 -1.03 -16.71 4.32
C THR A 174 -2.51 -16.43 4.06
N ALA A 175 -2.81 -15.44 3.21
CA ALA A 175 -4.19 -15.00 3.00
C ALA A 175 -4.94 -16.00 2.13
N GLU A 176 -6.28 -15.91 2.21
CA GLU A 176 -7.17 -16.56 1.25
C GLU A 176 -6.83 -16.00 -0.13
N LEU A 177 -6.80 -16.89 -1.12
CA LEU A 177 -6.64 -16.44 -2.49
C LEU A 177 -8.02 -16.17 -3.08
N LYS A 178 -8.18 -15.05 -3.80
CA LYS A 178 -9.46 -14.72 -4.39
C LYS A 178 -9.28 -14.05 -5.74
N ILE A 179 -9.95 -14.61 -6.75
CA ILE A 179 -10.08 -13.97 -8.05
C ILE A 179 -11.28 -13.03 -8.00
N CYS A 180 -11.06 -11.74 -8.27
CA CYS A 180 -12.13 -10.75 -8.22
C CYS A 180 -12.79 -10.55 -9.58
N ARG A 181 -11.99 -10.34 -10.62
CA ARG A 181 -12.52 -10.04 -11.94
C ARG A 181 -11.54 -10.61 -12.97
N VAL A 182 -12.08 -11.14 -14.07
CA VAL A 182 -11.25 -11.64 -15.17
C VAL A 182 -11.86 -11.19 -16.49
N ASN A 183 -11.02 -10.83 -17.45
CA ASN A 183 -11.54 -10.25 -18.67
C ASN A 183 -11.90 -11.29 -19.73
N ARG A 184 -11.52 -12.53 -19.56
CA ARG A 184 -11.99 -13.52 -20.53
C ARG A 184 -11.98 -14.91 -19.92
N ASN A 185 -12.97 -15.71 -20.31
CA ASN A 185 -13.16 -17.01 -19.69
C ASN A 185 -13.25 -18.11 -20.76
N SER A 186 -12.75 -17.83 -21.97
CA SER A 186 -12.55 -18.86 -22.98
C SER A 186 -11.37 -18.49 -23.87
N GLY A 187 -10.85 -19.48 -24.58
CA GLY A 187 -9.75 -19.25 -25.49
C GLY A 187 -9.41 -20.49 -26.29
N SER A 188 -8.52 -20.32 -27.26
CA SER A 188 -8.11 -21.41 -28.15
C SER A 188 -7.46 -22.58 -27.39
N CYS A 189 -7.74 -23.83 -27.83
CA CYS A 189 -7.07 -25.02 -27.32
C CYS A 189 -5.56 -24.97 -27.59
N LEU A 190 -5.12 -24.10 -28.50
CA LEU A 190 -3.70 -23.91 -28.79
C LEU A 190 -2.98 -23.06 -27.72
N GLY A 191 -3.73 -22.39 -26.84
CA GLY A 191 -3.14 -21.55 -25.80
C GLY A 191 -2.69 -20.20 -26.36
N GLY A 192 -2.12 -19.36 -25.48
CA GLY A 192 -1.50 -18.13 -25.94
C GLY A 192 -2.44 -16.91 -25.89
N ASP A 193 -3.64 -17.07 -25.35
CA ASP A 193 -4.58 -15.97 -25.22
C ASP A 193 -4.20 -15.15 -23.98
N GLU A 194 -4.18 -13.81 -24.12
CA GLU A 194 -3.83 -12.95 -22.98
C GLU A 194 -5.05 -12.71 -22.09
N ILE A 195 -4.88 -12.90 -20.77
CA ILE A 195 -5.91 -12.69 -19.77
C ILE A 195 -5.41 -11.69 -18.72
N PHE A 196 -6.26 -10.72 -18.41
CA PHE A 196 -6.14 -9.80 -17.28
C PHE A 196 -7.02 -10.32 -16.15
N LEU A 197 -6.38 -10.55 -15.00
CA LEU A 197 -7.01 -11.08 -13.80
C LEU A 197 -6.75 -10.10 -12.65
N LEU A 198 -7.82 -9.71 -11.97
CA LEU A 198 -7.72 -8.88 -10.77
C LEU A 198 -8.01 -9.75 -9.56
N CYS A 199 -7.17 -9.64 -8.52
CA CYS A 199 -7.22 -10.55 -7.38
C CYS A 199 -6.98 -9.78 -6.09
N ASP A 200 -7.25 -10.43 -4.95
CA ASP A 200 -6.78 -9.93 -3.68
C ASP A 200 -5.26 -9.98 -3.65
N LYS A 201 -4.65 -9.20 -2.76
CA LYS A 201 -3.19 -9.02 -2.74
C LYS A 201 -2.45 -10.37 -2.71
N VAL A 202 -1.50 -10.56 -3.65
CA VAL A 202 -0.59 -11.70 -3.70
C VAL A 202 0.84 -11.18 -3.61
N GLN A 203 1.79 -12.09 -3.47
CA GLN A 203 3.19 -11.76 -3.66
C GLN A 203 3.64 -12.28 -5.03
N LYS A 204 4.28 -11.39 -5.81
CA LYS A 204 4.56 -11.69 -7.20
C LYS A 204 5.54 -12.85 -7.34
N GLU A 205 6.39 -13.10 -6.32
CA GLU A 205 7.32 -14.21 -6.42
C GLU A 205 6.72 -15.55 -6.01
N ASP A 206 5.42 -15.58 -5.59
CA ASP A 206 4.80 -16.75 -4.99
C ASP A 206 3.33 -16.88 -5.41
N ILE A 207 3.08 -16.91 -6.73
CA ILE A 207 1.72 -17.00 -7.26
C ILE A 207 1.79 -17.67 -8.63
N GLU A 208 0.74 -18.42 -8.93
CA GLU A 208 0.58 -19.11 -10.21
C GLU A 208 -0.89 -19.04 -10.58
N VAL A 209 -1.16 -19.27 -11.87
CA VAL A 209 -2.51 -19.44 -12.36
C VAL A 209 -2.59 -20.87 -12.88
N TYR A 210 -3.46 -21.65 -12.27
CA TYR A 210 -3.44 -23.10 -12.37
C TYR A 210 -4.72 -23.56 -13.05
N PHE A 211 -4.59 -24.28 -14.16
CA PHE A 211 -5.70 -24.77 -14.97
C PHE A 211 -5.78 -26.28 -14.82
N THR A 212 -6.95 -26.84 -14.53
CA THR A 212 -7.05 -28.28 -14.26
C THR A 212 -8.31 -28.88 -14.91
N GLY A 213 -8.19 -30.16 -15.22
CA GLY A 213 -9.33 -31.03 -15.52
C GLY A 213 -8.96 -32.47 -15.11
N PRO A 214 -9.84 -33.48 -15.32
CA PRO A 214 -9.48 -34.87 -15.04
C PRO A 214 -8.14 -35.30 -15.63
N GLY A 215 -7.14 -35.56 -14.76
CA GLY A 215 -5.82 -36.00 -15.19
C GLY A 215 -4.99 -34.96 -15.94
N TRP A 216 -5.36 -33.66 -15.86
CA TRP A 216 -4.69 -32.63 -16.63
C TRP A 216 -4.40 -31.45 -15.72
N GLU A 217 -3.20 -30.87 -15.88
CA GLU A 217 -2.93 -29.60 -15.22
C GLU A 217 -1.88 -28.84 -16.03
N ALA A 218 -2.01 -27.52 -15.98
CA ALA A 218 -1.10 -26.62 -16.66
C ALA A 218 -1.18 -25.27 -15.94
N ARG A 219 -0.28 -24.36 -16.32
CA ARG A 219 -0.12 -23.09 -15.63
C ARG A 219 -0.14 -21.99 -16.66
N GLY A 220 -0.72 -20.85 -16.31
CA GLY A 220 -0.57 -19.68 -17.14
C GLY A 220 0.87 -19.20 -17.15
N SER A 221 1.24 -18.55 -18.25
CA SER A 221 2.60 -18.07 -18.43
C SER A 221 2.65 -16.57 -18.15
N PHE A 222 3.51 -16.17 -17.20
CA PHE A 222 3.78 -14.76 -16.94
C PHE A 222 5.08 -14.62 -16.15
N SER A 223 5.63 -13.40 -16.13
CA SER A 223 6.79 -13.07 -15.32
C SER A 223 6.39 -12.26 -14.07
N GLN A 224 7.34 -12.03 -13.17
CA GLN A 224 7.07 -11.22 -11.98
C GLN A 224 6.64 -9.81 -12.40
N ALA A 225 7.22 -9.33 -13.50
CA ALA A 225 6.94 -7.99 -14.00
C ALA A 225 5.47 -7.86 -14.46
N ASP A 226 4.78 -8.99 -14.65
CA ASP A 226 3.40 -8.98 -15.12
C ASP A 226 2.37 -8.94 -13.97
N VAL A 227 2.84 -8.95 -12.72
CA VAL A 227 2.01 -8.80 -11.55
C VAL A 227 2.04 -7.33 -11.12
N HIS A 228 0.89 -6.65 -11.25
CA HIS A 228 0.83 -5.21 -11.06
C HIS A 228 0.33 -4.88 -9.66
N ARG A 229 1.25 -4.33 -8.84
CA ARG A 229 0.94 -3.85 -7.50
C ARG A 229 0.19 -4.89 -6.67
N GLN A 230 0.60 -6.15 -6.79
CA GLN A 230 0.10 -7.28 -6.02
C GLN A 230 -1.36 -7.66 -6.30
N VAL A 231 -2.09 -6.98 -7.20
CA VAL A 231 -3.55 -7.17 -7.27
C VAL A 231 -4.04 -7.42 -8.70
N ALA A 232 -3.12 -7.50 -9.68
CA ALA A 232 -3.46 -7.80 -11.05
C ALA A 232 -2.37 -8.67 -11.66
N ILE A 233 -2.79 -9.65 -12.49
CA ILE A 233 -1.86 -10.50 -13.21
C ILE A 233 -2.28 -10.51 -14.68
N VAL A 234 -1.32 -10.26 -15.57
CA VAL A 234 -1.53 -10.40 -17.00
C VAL A 234 -0.72 -11.61 -17.47
N PHE A 235 -1.42 -12.61 -17.99
CA PHE A 235 -0.80 -13.89 -18.31
C PHE A 235 -1.35 -14.45 -19.60
N ARG A 236 -0.67 -15.47 -20.11
CA ARG A 236 -1.12 -16.16 -21.31
C ARG A 236 -1.58 -17.57 -20.95
N THR A 237 -2.69 -18.01 -21.53
CA THR A 237 -3.19 -19.34 -21.27
C THR A 237 -2.21 -20.39 -21.78
N PRO A 238 -2.11 -21.54 -21.08
CA PRO A 238 -1.38 -22.70 -21.59
C PRO A 238 -2.21 -23.38 -22.68
N PRO A 239 -1.57 -24.17 -23.59
CA PRO A 239 -2.32 -25.03 -24.49
C PRO A 239 -3.07 -26.06 -23.66
N TYR A 240 -4.22 -26.45 -24.19
CA TYR A 240 -4.97 -27.55 -23.63
C TYR A 240 -4.28 -28.85 -24.02
N ALA A 241 -4.62 -29.94 -23.32
CA ALA A 241 -4.08 -31.27 -23.58
C ALA A 241 -4.24 -31.67 -25.05
N ASP A 242 -5.41 -31.34 -25.62
CA ASP A 242 -5.80 -31.77 -26.95
C ASP A 242 -5.91 -30.56 -27.88
N PRO A 243 -4.98 -30.39 -28.85
CA PRO A 243 -5.02 -29.27 -29.80
C PRO A 243 -5.97 -29.44 -30.98
N SER A 244 -6.61 -30.62 -31.06
CA SER A 244 -7.55 -30.87 -32.12
C SER A 244 -8.98 -30.93 -31.58
N LEU A 245 -9.30 -30.14 -30.55
CA LEU A 245 -10.67 -30.10 -30.04
C LEU A 245 -11.65 -29.93 -31.19
N GLN A 246 -12.76 -30.67 -31.13
CA GLN A 246 -13.87 -30.52 -32.06
C GLN A 246 -15.04 -29.76 -31.43
N ALA A 247 -15.07 -29.63 -30.09
CA ALA A 247 -16.07 -28.81 -29.44
C ALA A 247 -15.51 -28.27 -28.12
N PRO A 248 -16.12 -27.22 -27.51
CA PRO A 248 -15.59 -26.68 -26.24
C PRO A 248 -15.46 -27.67 -25.11
N VAL A 249 -14.42 -27.46 -24.29
CA VAL A 249 -14.23 -28.26 -23.10
C VAL A 249 -14.13 -27.28 -21.92
N ARG A 250 -14.87 -27.60 -20.87
CA ARG A 250 -14.78 -26.84 -19.63
C ARG A 250 -13.65 -27.38 -18.77
N VAL A 251 -12.80 -26.47 -18.26
CA VAL A 251 -11.77 -26.78 -17.29
C VAL A 251 -11.92 -25.78 -16.13
N SER A 252 -11.17 -26.01 -15.06
CA SER A 252 -11.15 -25.07 -13.94
C SER A 252 -9.90 -24.20 -14.02
N MET A 253 -10.04 -22.95 -13.57
CA MET A 253 -8.92 -22.02 -13.48
C MET A 253 -8.92 -21.45 -12.07
N GLN A 254 -7.75 -21.48 -11.42
CA GLN A 254 -7.67 -20.96 -10.07
C GLN A 254 -6.26 -20.41 -9.82
N LEU A 255 -6.19 -19.53 -8.80
CA LEU A 255 -4.91 -19.05 -8.33
C LEU A 255 -4.33 -20.15 -7.44
N ARG A 256 -3.02 -20.32 -7.45
CA ARG A 256 -2.35 -21.25 -6.56
C ARG A 256 -1.14 -20.56 -5.98
N ARG A 257 -0.88 -20.82 -4.69
CA ARG A 257 0.29 -20.32 -4.00
C ARG A 257 1.23 -21.50 -3.81
N PRO A 258 2.36 -21.57 -4.53
CA PRO A 258 3.27 -22.72 -4.45
C PRO A 258 3.79 -22.97 -3.04
N SER A 259 3.98 -21.91 -2.25
CA SER A 259 4.65 -22.08 -0.97
C SER A 259 3.87 -23.01 -0.06
N ASP A 260 2.55 -22.89 0.00
CA ASP A 260 1.74 -23.74 0.86
C ASP A 260 0.71 -24.54 0.07
N ARG A 261 0.80 -24.52 -1.27
CA ARG A 261 -0.10 -25.24 -2.16
C ARG A 261 -1.57 -24.81 -1.99
N GLU A 262 -1.85 -23.63 -1.43
CA GLU A 262 -3.21 -23.13 -1.30
C GLU A 262 -3.80 -22.81 -2.67
N LEU A 263 -5.14 -22.89 -2.79
CA LEU A 263 -5.89 -22.68 -4.02
C LEU A 263 -7.00 -21.66 -3.77
N SER A 264 -7.31 -20.84 -4.79
CA SER A 264 -8.55 -20.08 -4.79
C SER A 264 -9.71 -21.00 -5.14
N GLU A 265 -10.95 -20.52 -4.95
CA GLU A 265 -12.12 -21.14 -5.52
C GLU A 265 -11.91 -21.24 -7.03
N PRO A 266 -12.35 -22.36 -7.66
CA PRO A 266 -12.26 -22.49 -9.11
C PRO A 266 -13.28 -21.64 -9.86
N MET A 267 -12.90 -21.25 -11.07
CA MET A 267 -13.73 -20.58 -12.04
C MET A 267 -13.79 -21.44 -13.29
N GLU A 268 -14.89 -21.35 -14.06
CA GLU A 268 -15.02 -22.10 -15.30
C GLU A 268 -14.31 -21.36 -16.45
N PHE A 269 -13.44 -22.10 -17.17
CA PHE A 269 -12.82 -21.63 -18.40
C PHE A 269 -13.14 -22.62 -19.51
N GLN A 270 -13.53 -22.16 -20.70
CA GLN A 270 -13.76 -23.06 -21.82
C GLN A 270 -12.65 -22.94 -22.86
N TYR A 271 -12.01 -24.06 -23.16
CA TYR A 271 -11.14 -24.10 -24.31
C TYR A 271 -11.98 -24.40 -25.53
N LEU A 272 -11.66 -23.74 -26.64
CA LEU A 272 -12.43 -23.83 -27.87
C LEU A 272 -11.60 -24.43 -29.01
N PRO A 273 -12.26 -25.06 -30.01
CA PRO A 273 -11.56 -25.50 -31.23
C PRO A 273 -10.88 -24.34 -31.94
N ASP A 274 -9.76 -24.63 -32.62
CA ASP A 274 -9.14 -23.57 -33.40
C ASP A 274 -9.08 -23.97 -34.87
N THR A 275 -9.83 -23.24 -35.71
CA THR A 275 -9.95 -23.51 -37.14
C THR A 275 -8.76 -22.94 -37.92
N ASP A 276 -8.44 -21.67 -37.66
CA ASP A 276 -7.56 -20.87 -38.50
C ASP A 276 -6.12 -20.94 -38.01
N MET B 1 18.13 47.79 -10.27
CA MET B 1 17.78 46.40 -9.83
C MET B 1 18.40 45.40 -10.81
N PRO B 2 19.44 44.62 -10.40
CA PRO B 2 19.66 43.31 -10.99
C PRO B 2 18.45 42.46 -10.58
N TYR B 3 18.24 41.34 -11.26
CA TYR B 3 17.14 40.47 -10.87
C TYR B 3 17.41 39.03 -11.30
N VAL B 4 16.62 38.12 -10.69
CA VAL B 4 16.79 36.70 -10.87
C VAL B 4 15.69 36.16 -11.79
N GLU B 5 16.12 35.33 -12.73
CA GLU B 5 15.24 34.69 -13.69
C GLU B 5 15.43 33.18 -13.51
N ILE B 6 14.32 32.44 -13.47
CA ILE B 6 14.38 30.99 -13.47
C ILE B 6 14.46 30.55 -14.93
N ILE B 7 15.61 29.96 -15.34
CA ILE B 7 15.76 29.50 -16.71
C ILE B 7 15.35 28.03 -16.78
N GLU B 8 15.46 27.27 -15.69
CA GLU B 8 14.96 25.90 -15.65
C GLU B 8 14.13 25.69 -14.39
N GLN B 9 12.81 25.65 -14.56
CA GLN B 9 11.88 25.32 -13.49
C GLN B 9 12.06 23.88 -13.00
N PRO B 10 11.65 23.59 -11.74
CA PRO B 10 11.59 22.21 -11.25
C PRO B 10 10.45 21.46 -11.96
N LYS B 11 10.63 20.15 -12.15
CA LYS B 11 9.57 19.27 -12.62
C LYS B 11 8.45 19.20 -11.57
N GLN B 12 7.19 19.30 -11.99
CA GLN B 12 6.10 19.44 -11.04
C GLN B 12 5.70 18.10 -10.44
N ARG B 13 5.67 17.02 -11.24
CA ARG B 13 5.06 15.77 -10.81
C ARG B 13 6.11 14.67 -10.88
N GLY B 14 5.94 13.60 -10.10
CA GLY B 14 6.76 12.41 -10.26
C GLY B 14 7.73 12.11 -9.13
N MET B 15 8.04 13.09 -8.28
CA MET B 15 9.03 12.89 -7.21
C MET B 15 8.30 12.80 -5.88
N ARG B 16 8.71 11.82 -5.05
CA ARG B 16 8.20 11.69 -3.70
C ARG B 16 8.92 12.69 -2.80
N PHE B 17 8.18 13.31 -1.88
CA PHE B 17 8.77 13.91 -0.72
C PHE B 17 9.16 12.78 0.23
N ARG B 18 10.32 12.85 0.87
CA ARG B 18 10.77 11.74 1.70
C ARG B 18 10.73 12.11 3.17
N TYR B 19 10.35 11.15 4.01
CA TYR B 19 10.39 11.35 5.44
C TYR B 19 11.81 11.24 5.98
N LYS B 20 12.03 11.83 7.15
CA LYS B 20 13.32 11.77 7.82
C LYS B 20 13.74 10.32 8.07
N CYS B 21 12.77 9.42 8.38
CA CYS B 21 13.05 8.01 8.57
C CYS B 21 13.67 7.35 7.35
N GLU B 22 13.53 7.93 6.15
CA GLU B 22 14.04 7.31 4.95
C GLU B 22 15.49 7.73 4.69
N GLY B 23 16.05 8.68 5.46
CA GLY B 23 17.46 9.00 5.35
C GLY B 23 17.78 10.50 5.46
N ARG B 24 19.08 10.81 5.52
CA ARG B 24 19.57 12.18 5.73
C ARG B 24 19.12 13.08 4.59
N SER B 25 19.33 12.63 3.35
CA SER B 25 18.94 13.39 2.18
C SER B 25 17.78 12.68 1.46
N ALA B 26 17.17 13.40 0.50
CA ALA B 26 15.92 12.99 -0.12
C ALA B 26 16.03 13.05 -1.64
N GLY B 27 17.25 12.83 -2.17
CA GLY B 27 17.48 12.81 -3.61
C GLY B 27 17.67 14.21 -4.20
N SER B 28 17.19 14.41 -5.43
CA SER B 28 17.52 15.60 -6.20
C SER B 28 16.36 15.99 -7.14
N ILE B 29 15.76 17.17 -6.90
CA ILE B 29 14.65 17.69 -7.69
C ILE B 29 15.11 17.85 -9.14
N PRO B 30 14.48 17.20 -10.13
CA PRO B 30 14.83 17.43 -11.53
C PRO B 30 14.22 18.71 -12.11
N GLY B 31 14.89 19.25 -13.13
CA GLY B 31 14.32 20.29 -13.96
C GLY B 31 13.24 19.73 -14.87
N GLU B 32 12.37 20.61 -15.37
CA GLU B 32 11.15 20.19 -16.05
C GLU B 32 11.44 19.62 -17.44
N ARG B 33 12.68 19.74 -17.92
CA ARG B 33 13.08 19.22 -19.23
C ARG B 33 14.12 18.11 -19.05
N SER B 34 14.14 17.50 -17.86
CA SER B 34 14.97 16.34 -17.60
C SER B 34 14.39 15.16 -18.38
N THR B 35 15.25 14.21 -18.78
CA THR B 35 14.80 12.97 -19.39
C THR B 35 15.70 11.82 -18.92
N ASP B 36 15.33 10.60 -19.34
CA ASP B 36 16.10 9.40 -19.07
C ASP B 36 17.58 9.64 -19.35
N THR B 37 17.87 10.22 -20.53
CA THR B 37 19.24 10.43 -20.99
C THR B 37 19.80 11.72 -20.38
N THR B 38 19.36 12.88 -20.88
CA THR B 38 19.95 14.17 -20.54
C THR B 38 19.14 14.84 -19.43
N LYS B 39 19.56 14.62 -18.17
CA LYS B 39 18.79 15.03 -17.00
C LYS B 39 19.23 16.42 -16.56
N THR B 40 18.25 17.26 -16.20
CA THR B 40 18.49 18.67 -15.94
C THR B 40 18.08 19.00 -14.49
N HIS B 41 18.38 20.23 -14.06
CA HIS B 41 18.19 20.64 -12.68
C HIS B 41 17.68 22.07 -12.62
N PRO B 42 16.97 22.47 -11.52
CA PRO B 42 16.42 23.81 -11.39
C PRO B 42 17.57 24.79 -11.56
N THR B 43 17.34 25.84 -12.33
CA THR B 43 18.44 26.72 -12.71
C THR B 43 17.94 28.15 -12.74
N ILE B 44 18.82 29.07 -12.32
CA ILE B 44 18.48 30.49 -12.33
C ILE B 44 19.57 31.25 -13.08
N LYS B 45 19.14 32.39 -13.63
CA LYS B 45 20.01 33.38 -14.22
C LYS B 45 19.86 34.68 -13.43
N ILE B 46 21.01 35.27 -13.07
CA ILE B 46 21.06 36.59 -12.45
C ILE B 46 21.39 37.64 -13.52
N ASN B 47 20.39 38.48 -13.86
CA ASN B 47 20.51 39.54 -14.83
C ASN B 47 21.05 40.81 -14.17
N GLY B 48 22.22 41.28 -14.63
CA GLY B 48 22.73 42.61 -14.28
C GLY B 48 23.77 42.58 -13.16
N TYR B 49 24.38 41.41 -12.93
CA TYR B 49 25.37 41.28 -11.87
C TYR B 49 26.21 40.05 -12.14
N THR B 50 27.50 40.15 -11.86
CA THR B 50 28.35 38.96 -11.73
C THR B 50 29.39 39.28 -10.66
N GLY B 51 29.73 38.27 -9.84
CA GLY B 51 30.62 38.45 -8.71
C GLY B 51 30.09 37.77 -7.46
N PRO B 52 30.68 38.04 -6.29
CA PRO B 52 30.37 37.29 -5.09
C PRO B 52 29.00 37.66 -4.51
N GLY B 53 28.52 36.79 -3.62
CA GLY B 53 27.16 36.91 -3.12
C GLY B 53 26.67 35.60 -2.52
N THR B 54 25.35 35.55 -2.29
CA THR B 54 24.69 34.47 -1.57
C THR B 54 23.39 34.14 -2.27
N VAL B 55 23.02 32.84 -2.31
CA VAL B 55 21.71 32.40 -2.74
C VAL B 55 21.16 31.50 -1.63
N ARG B 56 19.94 31.83 -1.20
CA ARG B 56 19.15 31.02 -0.29
C ARG B 56 17.95 30.49 -1.09
N ILE B 57 17.64 29.19 -0.90
CA ILE B 57 16.44 28.61 -1.49
C ILE B 57 15.61 28.06 -0.33
N SER B 58 14.36 28.46 -0.25
CA SER B 58 13.50 27.98 0.82
C SER B 58 12.22 27.41 0.20
N LEU B 59 11.45 26.66 1.00
CA LEU B 59 10.13 26.21 0.60
C LEU B 59 9.05 27.16 1.15
N VAL B 60 8.10 27.54 0.27
CA VAL B 60 6.92 28.30 0.64
C VAL B 60 5.69 27.56 0.19
N THR B 61 4.53 28.00 0.71
CA THR B 61 3.26 27.43 0.34
C THR B 61 2.96 27.69 -1.14
N LYS B 62 2.19 26.78 -1.74
CA LYS B 62 1.75 26.91 -3.13
C LYS B 62 0.98 28.21 -3.34
N ASP B 63 0.03 28.50 -2.46
CA ASP B 63 -0.85 29.65 -2.63
C ASP B 63 -0.42 30.82 -1.75
N PRO B 64 -0.82 32.06 -2.15
CA PRO B 64 -0.57 33.26 -1.33
C PRO B 64 -1.42 33.28 -0.05
N PRO B 65 -0.99 33.95 1.04
CA PRO B 65 0.33 34.55 1.12
C PRO B 65 1.31 33.38 1.20
N HIS B 66 2.50 33.57 0.63
CA HIS B 66 3.46 32.50 0.53
C HIS B 66 4.20 32.38 1.87
N ARG B 67 3.56 31.71 2.82
CA ARG B 67 4.10 31.38 4.13
C ARG B 67 5.25 30.37 3.98
N PRO B 68 6.22 30.36 4.91
CA PRO B 68 7.22 29.29 4.94
C PRO B 68 6.53 27.96 5.16
N HIS B 69 6.94 26.96 4.38
CA HIS B 69 6.30 25.66 4.41
C HIS B 69 6.90 24.86 5.58
N PRO B 70 6.12 23.97 6.24
CA PRO B 70 6.67 23.08 7.26
C PRO B 70 7.71 22.06 6.79
N HIS B 71 7.66 21.69 5.51
CA HIS B 71 8.63 20.73 4.98
C HIS B 71 10.01 21.40 4.87
N GLU B 72 11.04 20.60 4.61
CA GLU B 72 12.44 21.01 4.62
C GLU B 72 13.14 20.66 3.31
N LEU B 73 14.03 21.56 2.86
CA LEU B 73 15.00 21.27 1.83
C LEU B 73 16.19 20.61 2.52
N VAL B 74 16.68 19.48 1.98
CA VAL B 74 17.81 18.76 2.56
C VAL B 74 18.74 18.42 1.41
N GLY B 75 20.01 18.17 1.75
CA GLY B 75 21.04 17.99 0.74
C GLY B 75 22.27 18.88 0.98
N LYS B 76 23.15 18.92 -0.03
CA LYS B 76 24.39 19.65 0.11
C LYS B 76 24.06 21.12 0.36
N ASP B 77 24.65 21.70 1.42
CA ASP B 77 24.56 23.14 1.70
C ASP B 77 23.18 23.56 2.18
N CYS B 78 22.42 22.58 2.70
CA CYS B 78 21.16 22.82 3.37
C CYS B 78 21.38 22.73 4.87
N ARG B 79 20.71 23.61 5.61
CA ARG B 79 20.63 23.51 7.06
C ARG B 79 19.30 24.14 7.49
N ASP B 80 18.68 23.60 8.55
CA ASP B 80 17.50 24.20 9.14
C ASP B 80 16.38 24.34 8.11
N GLY B 81 16.38 23.46 7.09
CA GLY B 81 15.26 23.37 6.19
C GLY B 81 15.41 24.23 4.93
N TYR B 82 16.56 24.91 4.78
CA TYR B 82 16.77 25.73 3.60
C TYR B 82 18.18 25.50 3.05
N TYR B 83 18.36 25.88 1.80
CA TYR B 83 19.63 25.78 1.11
C TYR B 83 20.29 27.14 1.22
N GLU B 84 21.58 27.15 1.56
CA GLU B 84 22.32 28.41 1.47
C GLU B 84 23.77 28.15 1.09
N ALA B 85 24.22 28.86 0.05
CA ALA B 85 25.59 28.75 -0.44
C ALA B 85 26.05 30.06 -1.05
N ASP B 86 27.38 30.24 -1.07
CA ASP B 86 28.02 31.30 -1.81
C ASP B 86 27.71 31.12 -3.29
N LEU B 87 27.40 32.24 -3.91
CA LEU B 87 27.19 32.35 -5.35
C LEU B 87 28.53 32.15 -6.04
N CYS B 88 28.55 31.41 -7.15
CA CYS B 88 29.79 31.24 -7.90
C CYS B 88 30.22 32.58 -8.48
N PRO B 89 31.40 33.14 -8.08
CA PRO B 89 31.82 34.46 -8.55
C PRO B 89 31.82 34.68 -10.06
N ASP B 90 32.08 33.62 -10.83
CA ASP B 90 32.42 33.73 -12.25
C ASP B 90 31.18 33.87 -13.13
N ARG B 91 30.24 32.94 -12.95
CA ARG B 91 29.11 32.78 -13.86
C ARG B 91 27.87 33.47 -13.29
N SER B 92 26.92 33.76 -14.18
CA SER B 92 25.62 34.31 -13.84
C SER B 92 24.48 33.30 -14.05
N ILE B 93 24.81 32.02 -14.31
CA ILE B 93 23.81 30.96 -14.40
C ILE B 93 24.19 29.93 -13.35
N HIS B 94 23.19 29.50 -12.55
CA HIS B 94 23.44 28.72 -11.34
C HIS B 94 22.44 27.56 -11.31
N SER B 95 22.98 26.34 -11.20
CA SER B 95 22.17 25.14 -11.12
C SER B 95 22.32 24.48 -9.77
N PHE B 96 21.22 23.87 -9.32
CA PHE B 96 21.15 23.32 -7.98
C PHE B 96 20.81 21.86 -8.17
N GLN B 97 21.82 20.98 -7.95
CA GLN B 97 21.82 19.59 -8.39
C GLN B 97 21.53 18.61 -7.24
N ASN B 98 21.29 19.11 -6.01
CA ASN B 98 21.22 18.25 -4.85
C ASN B 98 20.08 18.69 -3.91
N LEU B 99 19.00 19.23 -4.44
CA LEU B 99 17.87 19.67 -3.62
C LEU B 99 16.88 18.53 -3.40
N GLY B 100 16.64 18.16 -2.14
CA GLY B 100 15.60 17.20 -1.82
C GLY B 100 14.56 17.81 -0.92
N ILE B 101 13.33 17.27 -0.99
CA ILE B 101 12.25 17.71 -0.12
C ILE B 101 11.98 16.63 0.92
N GLN B 102 12.13 17.01 2.19
CA GLN B 102 11.88 16.12 3.32
C GLN B 102 10.59 16.56 3.99
N CYS B 103 9.59 15.66 4.01
CA CYS B 103 8.29 16.01 4.54
C CYS B 103 8.28 15.75 6.05
N VAL B 104 7.66 16.69 6.78
CA VAL B 104 7.43 16.59 8.20
C VAL B 104 6.18 15.75 8.40
N LYS B 105 6.12 15.03 9.52
CA LYS B 105 4.90 14.32 9.93
C LYS B 105 3.82 15.28 10.42
N LYS B 106 2.55 14.82 10.38
CA LYS B 106 1.46 15.72 10.63
C LYS B 106 1.51 16.16 12.09
N ARG B 107 2.03 15.29 12.96
CA ARG B 107 2.07 15.57 14.38
C ARG B 107 3.23 16.49 14.73
N ASP B 108 4.15 16.76 13.78
CA ASP B 108 5.30 17.60 14.03
C ASP B 108 5.17 18.96 13.36
N LEU B 109 3.95 19.30 12.93
CA LEU B 109 3.72 20.51 12.15
C LEU B 109 4.07 21.75 12.99
N GLU B 110 3.58 21.81 14.21
CA GLU B 110 3.62 23.06 14.98
C GLU B 110 5.08 23.34 15.30
N GLN B 111 5.86 22.29 15.58
CA GLN B 111 7.29 22.41 15.79
C GLN B 111 8.03 22.91 14.54
N ALA B 112 7.68 22.35 13.38
CA ALA B 112 8.34 22.73 12.14
C ALA B 112 8.15 24.23 11.91
N ILE B 113 6.91 24.72 12.06
CA ILE B 113 6.59 26.13 11.86
C ILE B 113 7.38 27.00 12.86
N SER B 114 7.52 26.53 14.11
CA SER B 114 8.33 27.22 15.09
C SER B 114 9.78 27.36 14.64
N GLN B 115 10.35 26.31 14.05
CA GLN B 115 11.70 26.36 13.55
C GLN B 115 11.80 27.36 12.39
N ARG B 116 10.80 27.43 11.49
CA ARG B 116 10.86 28.40 10.38
C ARG B 116 10.95 29.83 10.94
N ILE B 117 10.14 30.12 11.95
CA ILE B 117 10.10 31.46 12.54
C ILE B 117 11.45 31.76 13.22
N GLN B 118 11.96 30.80 14.00
CA GLN B 118 13.16 31.00 14.79
C GLN B 118 14.40 31.21 13.89
N THR B 119 14.39 30.63 12.68
CA THR B 119 15.53 30.73 11.78
C THR B 119 15.37 31.87 10.78
N ASN B 120 14.35 32.71 10.98
CA ASN B 120 14.15 33.87 10.12
C ASN B 120 13.95 33.42 8.67
N ASN B 121 13.21 32.32 8.52
CA ASN B 121 12.96 31.74 7.22
C ASN B 121 11.53 32.10 6.86
N ASN B 122 11.35 33.29 6.26
CA ASN B 122 10.05 33.86 5.98
C ASN B 122 10.27 34.91 4.89
N PRO B 123 10.53 34.46 3.65
CA PRO B 123 10.95 35.34 2.57
C PRO B 123 9.99 36.50 2.27
N PHE B 124 8.69 36.31 2.53
CA PHE B 124 7.67 37.33 2.24
C PHE B 124 7.23 38.07 3.51
N HIS B 125 7.86 37.76 4.65
CA HIS B 125 7.64 38.48 5.91
C HIS B 125 6.17 38.42 6.31
N VAL B 126 5.57 37.23 6.20
CA VAL B 126 4.17 37.04 6.55
C VAL B 126 4.04 37.16 8.06
N PRO B 127 3.06 37.97 8.56
CA PRO B 127 2.80 38.07 10.00
C PRO B 127 2.50 36.72 10.64
N ILE B 128 2.92 36.56 11.90
CA ILE B 128 2.85 35.25 12.54
C ILE B 128 1.40 34.82 12.71
N GLU B 129 0.47 35.79 12.63
CA GLU B 129 -0.95 35.52 12.81
C GLU B 129 -1.48 34.62 11.68
N GLU B 130 -0.74 34.52 10.55
CA GLU B 130 -1.21 33.81 9.37
C GLU B 130 -0.56 32.43 9.25
N GLN B 131 0.29 32.06 10.20
CA GLN B 131 1.05 30.83 10.08
C GLN B 131 0.44 29.71 10.92
N ARG B 132 -0.87 29.81 11.21
CA ARG B 132 -1.56 28.94 12.14
C ARG B 132 -2.38 27.88 11.40
N GLY B 133 -3.23 28.34 10.45
CA GLY B 133 -4.23 27.49 9.81
C GLY B 133 -3.66 26.50 8.80
N ASP B 134 -4.45 26.11 7.78
CA ASP B 134 -4.21 24.86 7.06
C ASP B 134 -3.06 24.95 6.07
N TYR B 135 -2.14 23.98 6.15
CA TYR B 135 -1.10 23.78 5.13
C TYR B 135 -1.42 22.62 4.19
N ASP B 136 -1.20 22.84 2.88
CA ASP B 136 -1.15 21.79 1.89
C ASP B 136 0.19 21.10 1.97
N LEU B 137 0.24 19.92 2.59
CA LEU B 137 1.49 19.19 2.77
C LEU B 137 1.88 18.41 1.50
N ASN B 138 1.08 18.47 0.44
CA ASN B 138 1.37 17.74 -0.79
C ASN B 138 2.00 18.63 -1.86
N ALA B 139 2.14 19.95 -1.60
CA ALA B 139 2.68 20.87 -2.60
C ALA B 139 3.55 21.95 -1.93
N VAL B 140 4.55 22.41 -2.65
CA VAL B 140 5.47 23.46 -2.21
C VAL B 140 5.89 24.26 -3.43
N ARG B 141 6.43 25.48 -3.20
CA ARG B 141 7.21 26.18 -4.20
C ARG B 141 8.60 26.46 -3.65
N LEU B 142 9.58 26.49 -4.57
CA LEU B 142 10.90 27.01 -4.25
C LEU B 142 10.82 28.54 -4.25
N CYS B 143 11.55 29.13 -3.31
CA CYS B 143 11.70 30.57 -3.27
C CYS B 143 13.19 30.91 -3.33
N PHE B 144 13.62 31.58 -4.42
CA PHE B 144 15.02 31.91 -4.63
C PHE B 144 15.26 33.34 -4.12
N GLN B 145 16.19 33.46 -3.19
CA GLN B 145 16.51 34.70 -2.51
C GLN B 145 17.99 34.96 -2.69
N VAL B 146 18.33 35.83 -3.65
CA VAL B 146 19.71 36.11 -3.98
C VAL B 146 20.13 37.46 -3.38
N THR B 147 21.31 37.45 -2.79
CA THR B 147 21.95 38.66 -2.28
C THR B 147 23.25 38.86 -3.07
N VAL B 148 23.34 40.04 -3.67
CA VAL B 148 24.52 40.49 -4.38
C VAL B 148 25.12 41.69 -3.63
N ARG B 149 26.09 42.39 -4.25
CA ARG B 149 26.85 43.44 -3.57
C ARG B 149 26.83 44.69 -4.42
N ASP B 150 26.76 45.84 -3.74
CA ASP B 150 26.97 47.10 -4.42
C ASP B 150 28.47 47.27 -4.63
N PRO B 151 28.90 48.35 -5.32
CA PRO B 151 30.33 48.56 -5.60
C PRO B 151 31.23 48.64 -4.39
N ALA B 152 30.64 48.98 -3.23
CA ALA B 152 31.41 49.09 -2.00
C ALA B 152 31.31 47.85 -1.10
N GLY B 153 30.60 46.82 -1.56
CA GLY B 153 30.49 45.60 -0.78
C GLY B 153 29.22 45.54 0.07
N ARG B 154 28.34 46.54 -0.04
CA ARG B 154 27.07 46.49 0.70
C ARG B 154 26.19 45.39 0.13
N PRO B 155 25.61 44.51 0.98
CA PRO B 155 24.65 43.51 0.48
C PRO B 155 23.40 44.19 -0.09
N LEU B 156 22.92 43.68 -1.24
CA LEU B 156 21.65 44.08 -1.80
C LEU B 156 20.82 42.81 -2.03
N LEU B 157 19.64 42.72 -1.39
CA LEU B 157 18.73 41.60 -1.56
C LEU B 157 17.86 41.82 -2.78
N LEU B 158 17.98 40.94 -3.77
CA LEU B 158 17.12 41.02 -4.94
C LEU B 158 15.74 40.52 -4.54
N THR B 159 14.72 40.92 -5.29
CA THR B 159 13.37 40.46 -5.05
C THR B 159 13.36 38.93 -5.10
N PRO B 160 12.67 38.26 -4.14
CA PRO B 160 12.52 36.81 -4.17
C PRO B 160 11.67 36.36 -5.35
N VAL B 161 12.04 35.22 -5.97
CA VAL B 161 11.26 34.69 -7.07
C VAL B 161 10.85 33.26 -6.73
N LEU B 162 9.60 32.94 -7.07
CA LEU B 162 8.95 31.66 -6.79
C LEU B 162 9.03 30.76 -8.03
N SER B 163 9.29 29.46 -7.81
CA SER B 163 9.08 28.46 -8.86
C SER B 163 7.61 28.08 -8.99
N HIS B 164 7.35 27.31 -10.07
CA HIS B 164 6.16 26.51 -10.19
C HIS B 164 6.08 25.59 -8.98
N PRO B 165 4.88 25.14 -8.58
CA PRO B 165 4.75 24.18 -7.49
C PRO B 165 5.28 22.79 -7.84
N ILE B 166 5.72 22.10 -6.79
CA ILE B 166 6.19 20.73 -6.81
C ILE B 166 5.24 19.93 -5.93
N PHE B 167 4.75 18.80 -6.46
CA PHE B 167 3.70 17.98 -5.88
C PHE B 167 4.27 16.63 -5.44
N ASP B 168 3.89 16.17 -4.25
CA ASP B 168 4.37 14.91 -3.71
C ASP B 168 3.78 13.76 -4.54
N ASN B 169 4.63 12.88 -5.08
CA ASN B 169 4.14 11.79 -5.90
C ASN B 169 3.56 10.66 -5.03
N ARG B 170 3.88 10.59 -3.73
CA ARG B 170 3.38 9.53 -2.88
C ARG B 170 1.95 9.81 -2.40
N ALA B 171 1.48 11.06 -2.55
CA ALA B 171 0.24 11.51 -1.95
C ALA B 171 -0.97 11.16 -2.82
N PRO B 172 -2.11 10.83 -2.17
CA PRO B 172 -3.34 10.44 -2.86
C PRO B 172 -3.68 11.23 -4.13
N ASN B 173 -3.80 12.55 -4.01
CA ASN B 173 -4.46 13.34 -5.05
C ASN B 173 -3.49 14.23 -5.82
N THR B 174 -2.17 14.03 -5.68
CA THR B 174 -1.21 14.86 -6.40
C THR B 174 -0.19 14.04 -7.18
N ALA B 175 -0.40 12.72 -7.24
CA ALA B 175 0.55 11.85 -7.92
C ALA B 175 0.45 12.03 -9.44
N GLU B 176 1.54 11.68 -10.12
CA GLU B 176 1.51 11.60 -11.57
C GLU B 176 0.42 10.59 -11.93
N LEU B 177 -0.42 10.91 -12.91
CA LEU B 177 -1.34 9.96 -13.51
C LEU B 177 -0.62 9.20 -14.61
N LYS B 178 -0.75 7.87 -14.59
CA LYS B 178 0.00 7.05 -15.52
C LYS B 178 -0.83 5.79 -15.86
N ILE B 179 -1.08 5.58 -17.15
CA ILE B 179 -1.65 4.34 -17.63
C ILE B 179 -0.51 3.35 -17.88
N CYS B 180 -0.47 2.21 -17.16
CA CYS B 180 0.60 1.24 -17.28
C CYS B 180 0.32 0.24 -18.41
N ARG B 181 -0.91 -0.28 -18.52
CA ARG B 181 -1.23 -1.35 -19.45
C ARG B 181 -2.73 -1.37 -19.71
N VAL B 182 -3.14 -1.74 -20.92
CA VAL B 182 -4.53 -2.02 -21.25
C VAL B 182 -4.63 -3.34 -22.02
N ASN B 183 -5.79 -3.97 -21.98
CA ASN B 183 -5.99 -5.26 -22.61
C ASN B 183 -6.16 -5.09 -24.12
N ARG B 184 -6.62 -3.93 -24.58
CA ARG B 184 -6.77 -3.69 -25.99
C ARG B 184 -6.74 -2.18 -26.25
N ASN B 185 -6.32 -1.81 -27.47
CA ASN B 185 -6.21 -0.40 -27.82
C ASN B 185 -7.00 -0.10 -29.11
N SER B 186 -8.02 -0.93 -29.40
CA SER B 186 -8.98 -0.67 -30.46
C SER B 186 -10.33 -1.31 -30.10
N GLY B 187 -11.39 -0.88 -30.77
CA GLY B 187 -12.71 -1.45 -30.58
C GLY B 187 -13.72 -0.82 -31.54
N SER B 188 -14.98 -1.23 -31.45
CA SER B 188 -16.04 -0.77 -32.35
C SER B 188 -16.43 0.67 -32.07
N CYS B 189 -16.89 1.36 -33.13
CA CYS B 189 -17.36 2.74 -33.05
C CYS B 189 -18.70 2.83 -32.30
N LEU B 190 -19.36 1.67 -32.09
CA LEU B 190 -20.60 1.61 -31.32
C LEU B 190 -20.34 1.68 -29.82
N GLY B 191 -19.07 1.44 -29.41
CA GLY B 191 -18.69 1.45 -28.01
C GLY B 191 -19.08 0.15 -27.29
N GLY B 192 -18.98 0.17 -25.96
CA GLY B 192 -19.44 -0.96 -25.15
C GLY B 192 -18.40 -2.05 -24.97
N ASP B 193 -17.17 -1.83 -25.49
CA ASP B 193 -16.06 -2.77 -25.31
C ASP B 193 -15.47 -2.61 -23.90
N GLU B 194 -15.23 -3.75 -23.23
CA GLU B 194 -14.74 -3.77 -21.88
C GLU B 194 -13.21 -3.65 -21.92
N ILE B 195 -12.70 -2.64 -21.20
CA ILE B 195 -11.28 -2.36 -21.07
C ILE B 195 -10.85 -2.60 -19.62
N PHE B 196 -9.77 -3.36 -19.45
CA PHE B 196 -9.08 -3.53 -18.19
C PHE B 196 -7.82 -2.70 -18.29
N LEU B 197 -7.73 -1.68 -17.45
CA LEU B 197 -6.68 -0.67 -17.47
C LEU B 197 -5.94 -0.76 -16.15
N LEU B 198 -4.61 -0.92 -16.19
CA LEU B 198 -3.77 -0.93 -15.01
C LEU B 198 -3.09 0.43 -14.94
N CYS B 199 -3.09 1.03 -13.74
CA CYS B 199 -2.62 2.41 -13.57
C CYS B 199 -1.85 2.58 -12.27
N ASP B 200 -1.11 3.68 -12.16
CA ASP B 200 -0.57 4.09 -10.86
C ASP B 200 -1.75 4.47 -9.97
N LYS B 201 -1.50 4.56 -8.66
CA LYS B 201 -2.55 4.77 -7.67
C LYS B 201 -3.45 5.97 -7.97
N VAL B 202 -4.77 5.74 -7.97
CA VAL B 202 -5.80 6.76 -8.14
C VAL B 202 -6.78 6.68 -6.97
N GLN B 203 -7.60 7.71 -6.80
CA GLN B 203 -8.71 7.71 -5.88
C GLN B 203 -10.00 7.49 -6.69
N LYS B 204 -10.77 6.46 -6.31
CA LYS B 204 -11.94 6.03 -7.08
C LYS B 204 -13.01 7.11 -7.15
N GLU B 205 -13.05 8.06 -6.20
CA GLU B 205 -14.02 9.14 -6.31
C GLU B 205 -13.50 10.34 -7.10
N ASP B 206 -12.27 10.30 -7.62
CA ASP B 206 -11.71 11.46 -8.31
C ASP B 206 -10.90 11.01 -9.52
N ILE B 207 -11.56 10.25 -10.42
CA ILE B 207 -10.88 9.68 -11.58
C ILE B 207 -11.90 9.41 -12.68
N GLU B 208 -11.47 9.68 -13.90
CA GLU B 208 -12.22 9.34 -15.11
C GLU B 208 -11.26 8.97 -16.23
N VAL B 209 -11.84 8.33 -17.25
CA VAL B 209 -11.09 7.95 -18.44
C VAL B 209 -11.68 8.77 -19.59
N TYR B 210 -10.82 9.61 -20.17
CA TYR B 210 -11.20 10.72 -21.01
C TYR B 210 -10.69 10.41 -22.41
N PHE B 211 -11.62 10.31 -23.36
CA PHE B 211 -11.33 10.07 -24.77
C PHE B 211 -11.49 11.37 -25.53
N THR B 212 -10.53 11.68 -26.42
CA THR B 212 -10.52 12.95 -27.13
C THR B 212 -10.03 12.78 -28.56
N GLY B 213 -10.62 13.56 -29.47
CA GLY B 213 -10.03 13.77 -30.77
C GLY B 213 -10.51 15.09 -31.35
N PRO B 214 -10.05 15.48 -32.58
CA PRO B 214 -10.55 16.68 -33.23
C PRO B 214 -12.04 16.90 -32.97
N GLY B 215 -12.33 17.87 -32.08
CA GLY B 215 -13.68 18.36 -31.82
C GLY B 215 -14.61 17.31 -31.20
N TRP B 216 -14.02 16.30 -30.53
CA TRP B 216 -14.80 15.23 -29.92
C TRP B 216 -14.22 14.87 -28.55
N GLU B 217 -15.09 14.64 -27.57
CA GLU B 217 -14.66 14.10 -26.31
C GLU B 217 -15.77 13.25 -25.73
N ALA B 218 -15.38 12.22 -24.98
CA ALA B 218 -16.34 11.34 -24.34
C ALA B 218 -15.66 10.71 -23.13
N ARG B 219 -16.39 9.81 -22.46
CA ARG B 219 -15.89 9.27 -21.21
C ARG B 219 -16.10 7.77 -21.20
N GLY B 220 -15.12 7.04 -20.64
CA GLY B 220 -15.35 5.65 -20.30
C GLY B 220 -16.41 5.54 -19.21
N SER B 221 -17.18 4.45 -19.28
CA SER B 221 -18.28 4.24 -18.37
C SER B 221 -17.86 3.23 -17.31
N PHE B 222 -17.90 3.66 -16.04
CA PHE B 222 -17.68 2.75 -14.93
C PHE B 222 -18.20 3.39 -13.64
N SER B 223 -18.35 2.57 -12.59
CA SER B 223 -18.69 3.07 -11.27
C SER B 223 -17.46 3.01 -10.37
N GLN B 224 -17.56 3.63 -9.18
CA GLN B 224 -16.47 3.56 -8.22
C GLN B 224 -16.12 2.11 -7.86
N ALA B 225 -17.13 1.22 -7.81
CA ALA B 225 -16.89 -0.18 -7.48
C ALA B 225 -15.96 -0.85 -8.51
N ASP B 226 -15.80 -0.27 -9.69
CA ASP B 226 -14.99 -0.87 -10.75
C ASP B 226 -13.49 -0.50 -10.65
N VAL B 227 -13.16 0.35 -9.68
CA VAL B 227 -11.76 0.68 -9.39
C VAL B 227 -11.26 -0.29 -8.35
N HIS B 228 -10.29 -1.12 -8.75
CA HIS B 228 -9.81 -2.24 -7.95
C HIS B 228 -8.52 -1.85 -7.23
N ARG B 229 -8.64 -1.65 -5.90
CA ARG B 229 -7.51 -1.36 -5.03
C ARG B 229 -6.64 -0.20 -5.57
N GLN B 230 -7.32 0.83 -6.09
CA GLN B 230 -6.75 2.08 -6.57
C GLN B 230 -5.81 1.95 -7.77
N VAL B 231 -5.63 0.76 -8.37
CA VAL B 231 -4.59 0.60 -9.38
C VAL B 231 -5.05 -0.11 -10.65
N ALA B 232 -6.34 -0.39 -10.75
CA ALA B 232 -6.91 -0.94 -11.97
C ALA B 232 -8.32 -0.38 -12.12
N ILE B 233 -8.73 -0.18 -13.37
CA ILE B 233 -10.08 0.24 -13.70
C ILE B 233 -10.64 -0.68 -14.79
N VAL B 234 -11.85 -1.17 -14.56
CA VAL B 234 -12.62 -1.85 -15.61
C VAL B 234 -13.74 -0.91 -16.07
N PHE B 235 -13.73 -0.56 -17.36
CA PHE B 235 -14.73 0.33 -17.90
C PHE B 235 -15.15 -0.12 -19.31
N ARG B 236 -16.22 0.51 -19.81
CA ARG B 236 -16.67 0.29 -21.16
C ARG B 236 -16.35 1.52 -22.01
N THR B 237 -15.91 1.29 -23.25
CA THR B 237 -15.60 2.39 -24.15
C THR B 237 -16.90 3.18 -24.45
N PRO B 238 -16.79 4.48 -24.71
CA PRO B 238 -17.94 5.24 -25.23
C PRO B 238 -18.11 4.97 -26.71
N PRO B 239 -19.35 5.11 -27.26
CA PRO B 239 -19.51 5.19 -28.70
C PRO B 239 -18.66 6.36 -29.21
N TYR B 240 -18.13 6.24 -30.43
CA TYR B 240 -17.52 7.36 -31.12
C TYR B 240 -18.63 8.27 -31.66
N ALA B 241 -18.29 9.54 -31.95
CA ALA B 241 -19.26 10.52 -32.43
C ALA B 241 -20.10 9.96 -33.58
N ASP B 242 -19.42 9.25 -34.49
CA ASP B 242 -19.98 8.73 -35.74
C ASP B 242 -20.15 7.21 -35.63
N PRO B 243 -21.36 6.69 -35.29
CA PRO B 243 -21.58 5.25 -35.12
C PRO B 243 -21.46 4.36 -36.36
N SER B 244 -21.08 4.94 -37.50
CA SER B 244 -20.84 4.20 -38.72
C SER B 244 -19.58 4.75 -39.38
N LEU B 245 -18.50 3.97 -39.37
CA LEU B 245 -17.19 4.46 -39.75
C LEU B 245 -16.82 3.99 -41.15
N GLN B 246 -16.48 4.97 -42.01
CA GLN B 246 -15.75 4.73 -43.24
C GLN B 246 -14.60 3.77 -42.94
N ALA B 247 -13.57 4.30 -42.27
CA ALA B 247 -12.32 3.61 -42.03
C ALA B 247 -11.93 3.87 -40.57
N PRO B 248 -10.90 3.16 -40.04
CA PRO B 248 -10.40 3.42 -38.67
C PRO B 248 -10.14 4.88 -38.33
N VAL B 249 -10.52 5.32 -37.11
CA VAL B 249 -10.13 6.63 -36.63
C VAL B 249 -9.42 6.47 -35.29
N ARG B 250 -8.26 7.14 -35.17
CA ARG B 250 -7.43 7.11 -33.98
C ARG B 250 -7.84 8.25 -33.05
N VAL B 251 -7.94 7.98 -31.74
CA VAL B 251 -8.21 8.98 -30.71
C VAL B 251 -7.22 8.79 -29.55
N SER B 252 -7.28 9.71 -28.58
CA SER B 252 -6.48 9.67 -27.36
C SER B 252 -7.34 9.13 -26.22
N MET B 253 -6.68 8.40 -25.34
CA MET B 253 -7.32 7.96 -24.12
C MET B 253 -6.40 8.36 -22.97
N GLN B 254 -6.91 9.09 -21.98
CA GLN B 254 -6.08 9.42 -20.84
C GLN B 254 -6.88 9.39 -19.55
N LEU B 255 -6.17 9.15 -18.44
CA LEU B 255 -6.70 9.31 -17.10
C LEU B 255 -6.85 10.81 -16.88
N ARG B 256 -7.95 11.19 -16.23
CA ARG B 256 -8.22 12.56 -15.87
C ARG B 256 -8.66 12.61 -14.43
N ARG B 257 -8.04 13.52 -13.65
CA ARG B 257 -8.44 13.78 -12.27
C ARG B 257 -9.29 15.03 -12.22
N PRO B 258 -10.63 14.93 -12.06
CA PRO B 258 -11.47 16.13 -12.19
C PRO B 258 -11.14 17.23 -11.18
N SER B 259 -10.63 16.89 -9.99
CA SER B 259 -10.41 17.86 -8.94
C SER B 259 -9.40 18.95 -9.35
N ASP B 260 -8.35 18.59 -10.11
CA ASP B 260 -7.34 19.56 -10.50
C ASP B 260 -7.12 19.56 -12.01
N ARG B 261 -7.95 18.81 -12.76
CA ARG B 261 -7.98 18.81 -14.22
C ARG B 261 -6.72 18.18 -14.83
N GLU B 262 -5.92 17.48 -14.03
CA GLU B 262 -4.70 16.89 -14.54
C GLU B 262 -4.98 15.66 -15.40
N LEU B 263 -4.08 15.40 -16.36
CA LEU B 263 -4.19 14.32 -17.32
C LEU B 263 -2.94 13.45 -17.30
N SER B 264 -3.12 12.13 -17.56
CA SER B 264 -2.01 11.27 -17.92
C SER B 264 -1.50 11.64 -19.32
N GLU B 265 -0.31 11.14 -19.65
CA GLU B 265 0.10 11.09 -21.04
C GLU B 265 -0.96 10.30 -21.81
N PRO B 266 -1.27 10.66 -23.08
CA PRO B 266 -2.32 9.99 -23.83
C PRO B 266 -1.83 8.64 -24.34
N MET B 267 -2.76 7.69 -24.37
CA MET B 267 -2.56 6.43 -25.05
C MET B 267 -3.49 6.39 -26.26
N GLU B 268 -2.98 5.88 -27.38
CA GLU B 268 -3.74 5.83 -28.62
C GLU B 268 -4.79 4.74 -28.52
N PHE B 269 -6.01 5.07 -28.94
CA PHE B 269 -7.08 4.12 -29.13
C PHE B 269 -7.57 4.23 -30.58
N GLN B 270 -7.88 3.10 -31.19
CA GLN B 270 -8.38 3.11 -32.57
C GLN B 270 -9.82 2.62 -32.63
N TYR B 271 -10.74 3.48 -33.10
CA TYR B 271 -12.12 3.06 -33.30
C TYR B 271 -12.25 2.38 -34.67
N LEU B 272 -13.01 1.27 -34.75
CA LEU B 272 -13.04 0.46 -35.95
C LEU B 272 -14.44 0.44 -36.54
N PRO B 273 -14.59 0.28 -37.87
CA PRO B 273 -15.91 0.26 -38.49
C PRO B 273 -16.79 -0.85 -37.93
N ASP B 274 -18.09 -0.51 -37.77
CA ASP B 274 -19.19 -1.45 -37.85
C ASP B 274 -20.14 -1.22 -36.67
S SO4 E . 8.28 -17.44 15.30
O1 SO4 E . 8.98 -17.92 16.46
O2 SO4 E . 7.32 -18.41 14.90
O3 SO4 E . 7.64 -16.18 15.57
O4 SO4 E . 9.27 -17.28 14.19
S SO4 F . 2.79 14.01 3.02
O1 SO4 F . 3.73 14.73 3.89
O2 SO4 F . 3.29 12.67 2.80
O3 SO4 F . 1.48 13.92 3.66
O4 SO4 F . 2.67 14.65 1.71
S SO4 G . -1.33 26.56 1.27
O1 SO4 G . -0.42 25.65 1.95
O2 SO4 G . -1.06 26.58 -0.16
O3 SO4 G . -1.17 27.90 1.80
O4 SO4 G . -2.71 26.10 1.50
S SO4 H . 18.51 19.25 -7.41
O1 SO4 H . 19.13 18.61 -8.54
O2 SO4 H . 18.06 18.26 -6.48
O3 SO4 H . 19.45 20.12 -6.75
O4 SO4 H . 17.39 20.04 -7.85
S SO4 I . 7.93 16.38 -8.17
O1 SO4 I . 8.12 16.24 -6.76
O2 SO4 I . 7.35 15.18 -8.70
O3 SO4 I . 9.20 16.64 -8.83
O4 SO4 I . 7.04 17.48 -8.42
C1 BOG J . -26.69 -2.37 18.81
O1 BOG J . -27.03 -3.42 19.68
C2 BOG J . -27.72 -2.29 17.69
O2 BOG J . -27.70 -3.47 16.90
C3 BOG J . -27.47 -1.05 16.84
O3 BOG J . -28.46 -0.94 15.81
C4 BOG J . -27.46 0.20 17.72
O4 BOG J . -27.23 1.39 16.97
C5 BOG J . -26.37 0.04 18.78
O5 BOG J . -26.64 -1.15 19.56
C6 BOG J . -26.30 1.20 19.75
O6 BOG J . -24.96 1.59 20.02
C1' BOG J . -28.08 -3.13 20.62
C2' BOG J . -27.92 -3.98 21.85
C3' BOG J . -27.79 -5.47 21.56
C4' BOG J . -28.69 -5.98 20.44
C5' BOG J . -30.15 -5.56 20.54
C6' BOG J . -31.11 -6.71 20.78
C7' BOG J . -31.31 -7.63 19.61
C8' BOG J . -32.08 -8.89 19.97
#